data_2E4P
#
_entry.id   2E4P
#
_cell.length_a   26.294
_cell.length_b   144.113
_cell.length_c   61.176
_cell.angle_alpha   90.00
_cell.angle_beta   90.00
_cell.angle_gamma   90.00
#
_symmetry.space_group_name_H-M   'P 21 21 2'
#
loop_
_entity.id
_entity.type
_entity.pdbx_description
1 polymer 'Biphenyl dioxygenase ferredoxin subunit'
2 branched alpha-D-glucopyranose-(1-1)-alpha-D-glucopyranose
3 non-polymer 'FE2/S2 (INORGANIC) CLUSTER'
4 non-polymer 'SULFATE ION'
5 water water
#
_entity_poly.entity_id   1
_entity_poly.type   'polypeptide(L)'
_entity_poly.pdbx_seq_one_letter_code
;MTFTKACSVDEVPPGEALQVSHDAQKVAIFNVDGEFFATQDQCTHGEWSLSEGGYLDGDVVECSLHMGKFCVRTGKVKSP
PPCEPLKVYPIRIEGRDVLVDFSRAALHA
;
_entity_poly.pdbx_strand_id   A,B
#
loop_
_chem_comp.id
_chem_comp.type
_chem_comp.name
_chem_comp.formula
FES non-polymer 'FE2/S2 (INORGANIC) CLUSTER' 'Fe2 S2'
GLC D-saccharide, alpha linking alpha-D-glucopyranose 'C6 H12 O6'
SO4 non-polymer 'SULFATE ION' 'O4 S -2'
#
# COMPACT_ATOMS: atom_id res chain seq x y z
N THR A 2 3.27 -31.13 -11.33
CA THR A 2 3.75 -31.00 -12.73
C THR A 2 4.30 -29.60 -12.97
N PHE A 3 5.56 -29.56 -13.40
CA PHE A 3 6.11 -28.33 -13.97
C PHE A 3 5.89 -28.36 -15.49
N THR A 4 5.33 -27.29 -16.03
CA THR A 4 4.97 -27.22 -17.46
C THR A 4 5.84 -26.20 -18.23
N LYS A 5 6.28 -26.57 -19.44
CA LYS A 5 7.01 -25.66 -20.32
C LYS A 5 6.22 -24.37 -20.54
N ALA A 6 6.82 -23.24 -20.13
CA ALA A 6 6.19 -21.92 -20.29
C ALA A 6 6.91 -21.09 -21.35
N CYS A 7 8.23 -20.99 -21.25
CA CYS A 7 9.02 -20.27 -22.25
C CYS A 7 10.48 -20.70 -22.26
N SER A 8 11.27 -20.11 -23.15
CA SER A 8 12.71 -20.34 -23.19
C SER A 8 13.46 -19.26 -22.44
N VAL A 9 14.53 -19.68 -21.78
CA VAL A 9 15.41 -18.79 -21.00
C VAL A 9 15.79 -17.55 -21.81
N ASP A 10 16.15 -17.76 -23.08
CA ASP A 10 16.53 -16.67 -23.99
C ASP A 10 15.35 -15.84 -24.51
N GLU A 11 14.13 -16.29 -24.25
CA GLU A 11 12.92 -15.57 -24.70
C GLU A 11 12.63 -14.30 -23.86
N VAL A 12 13.11 -14.29 -22.62
CA VAL A 12 12.86 -13.16 -21.72
C VAL A 12 14.19 -12.63 -21.18
N PRO A 13 14.74 -11.57 -21.79
CA PRO A 13 15.97 -10.97 -21.28
C PRO A 13 15.73 -10.25 -19.95
N PRO A 14 16.80 -10.02 -19.17
CA PRO A 14 16.72 -9.34 -17.88
C PRO A 14 15.98 -8.01 -17.95
N GLY A 15 15.13 -7.76 -16.95
CA GLY A 15 14.34 -6.54 -16.88
C GLY A 15 13.07 -6.56 -17.70
N GLU A 16 12.81 -7.68 -18.37
CA GLU A 16 11.62 -7.82 -19.21
C GLU A 16 10.61 -8.87 -18.70
N ALA A 17 9.37 -8.76 -19.17
CA ALA A 17 8.31 -9.68 -18.79
C ALA A 17 7.69 -10.30 -20.02
N LEU A 18 7.14 -11.51 -19.87
CA LEU A 18 6.40 -12.20 -20.93
C LEU A 18 5.10 -12.76 -20.37
N GLN A 19 3.99 -12.61 -21.10
CA GLN A 19 2.76 -13.25 -20.69
C GLN A 19 2.70 -14.68 -21.25
N VAL A 20 2.31 -15.63 -20.41
CA VAL A 20 2.03 -17.01 -20.83
C VAL A 20 0.62 -17.42 -20.40
N SER A 21 0.05 -18.38 -21.12
CA SER A 21 -1.28 -18.90 -20.88
C SER A 21 -1.23 -20.39 -20.57
N HIS A 22 -1.94 -20.79 -19.53
CA HIS A 22 -2.20 -22.20 -19.27
C HIS A 22 -3.67 -22.39 -18.92
N ASP A 23 -4.36 -23.23 -19.71
CA ASP A 23 -5.81 -23.38 -19.57
C ASP A 23 -6.43 -21.98 -19.45
N ALA A 24 -7.05 -21.67 -18.31
CA ALA A 24 -7.75 -20.39 -18.20
C ALA A 24 -6.96 -19.30 -17.46
N GLN A 25 -5.73 -19.61 -17.01
CA GLN A 25 -4.92 -18.63 -16.27
C GLN A 25 -3.85 -17.95 -17.13
N LYS A 26 -3.65 -16.67 -16.87
CA LYS A 26 -2.57 -15.92 -17.48
C LYS A 26 -1.52 -15.61 -16.45
N VAL A 27 -0.26 -15.88 -16.79
CA VAL A 27 0.84 -15.75 -15.87
C VAL A 27 1.89 -14.84 -16.50
N ALA A 28 2.52 -14.03 -15.67
CA ALA A 28 3.61 -13.15 -16.08
C ALA A 28 4.93 -13.78 -15.69
N ILE A 29 5.85 -13.90 -16.67
CA ILE A 29 7.20 -14.44 -16.41
C ILE A 29 8.16 -13.25 -16.42
N PHE A 30 8.84 -13.03 -15.31
CA PHE A 30 9.82 -11.94 -15.18
C PHE A 30 11.22 -12.52 -15.05
N ASN A 31 12.18 -11.87 -15.73
CA ASN A 31 13.60 -12.18 -15.64
C ASN A 31 14.26 -11.11 -14.80
N VAL A 32 14.54 -11.44 -13.55
CA VAL A 32 15.22 -10.55 -12.63
C VAL A 32 16.65 -11.05 -12.47
N ASP A 33 17.56 -10.29 -13.06
CA ASP A 33 18.99 -10.57 -12.92
C ASP A 33 19.33 -11.98 -13.37
N GLY A 34 18.65 -12.46 -14.41
CA GLY A 34 18.95 -13.77 -14.96
C GLY A 34 18.24 -14.94 -14.31
N GLU A 35 17.46 -14.63 -13.28
CA GLU A 35 16.61 -15.59 -12.56
C GLU A 35 15.14 -15.33 -12.91
N PHE A 36 14.35 -16.40 -13.02
CA PHE A 36 12.97 -16.26 -13.51
C PHE A 36 11.91 -16.43 -12.42
N PHE A 37 10.89 -15.58 -12.50
CA PHE A 37 9.80 -15.54 -11.53
C PHE A 37 8.45 -15.48 -12.22
N ALA A 38 7.48 -16.20 -11.68
CA ALA A 38 6.16 -16.28 -12.26
C ALA A 38 5.09 -15.81 -11.27
N THR A 39 4.30 -14.83 -11.69
CA THR A 39 3.19 -14.31 -10.89
C THR A 39 1.93 -14.34 -11.75
N GLN A 40 0.77 -14.15 -11.13
CA GLN A 40 -0.43 -13.91 -11.92
C GLN A 40 -0.17 -12.71 -12.85
N ASP A 41 -0.70 -12.76 -14.06
CA ASP A 41 -0.48 -11.65 -14.97
C ASP A 41 -1.32 -10.42 -14.64
N GLN A 42 -2.53 -10.64 -14.14
CA GLN A 42 -3.43 -9.53 -13.87
C GLN A 42 -3.08 -8.86 -12.55
N CYS A 43 -3.05 -7.54 -12.56
CA CYS A 43 -2.93 -6.80 -11.32
C CYS A 43 -4.10 -7.15 -10.40
N THR A 44 -3.87 -7.17 -9.08
CA THR A 44 -4.94 -7.51 -8.14
C THR A 44 -5.90 -6.34 -7.93
N HIS A 45 -5.42 -5.13 -8.23
CA HIS A 45 -6.18 -3.93 -7.97
C HIS A 45 -7.17 -3.58 -9.08
N GLY A 46 -6.87 -3.99 -10.31
CA GLY A 46 -7.81 -3.81 -11.40
C GLY A 46 -7.52 -4.69 -12.58
N GLU A 47 -8.35 -4.55 -13.61
CA GLU A 47 -8.27 -5.38 -14.80
C GLU A 47 -7.20 -4.82 -15.72
N TRP A 48 -5.94 -5.08 -15.37
CA TRP A 48 -4.79 -4.58 -16.11
C TRP A 48 -3.66 -5.60 -16.02
N SER A 49 -2.98 -5.81 -17.16
CA SER A 49 -1.93 -6.82 -17.28
C SER A 49 -0.59 -6.26 -16.85
N LEU A 50 0.09 -6.96 -15.95
CA LEU A 50 1.42 -6.54 -15.49
C LEU A 50 2.53 -6.79 -16.52
N SER A 51 2.42 -7.86 -17.32
CA SER A 51 3.44 -8.10 -18.36
C SER A 51 3.32 -7.11 -19.52
N GLU A 52 2.08 -6.78 -19.90
CA GLU A 52 1.82 -5.94 -21.07
C GLU A 52 1.58 -4.49 -20.70
N GLY A 53 1.27 -4.24 -19.43
CA GLY A 53 0.99 -2.89 -18.99
C GLY A 53 1.72 -2.57 -17.70
N GLY A 54 2.80 -3.30 -17.45
CA GLY A 54 3.62 -3.11 -16.26
C GLY A 54 5.02 -2.69 -16.64
N TYR A 55 5.81 -2.32 -15.64
CA TYR A 55 7.22 -2.00 -15.83
C TYR A 55 8.01 -2.65 -14.71
N LEU A 56 9.07 -3.37 -15.06
CA LEU A 56 9.88 -4.09 -14.09
C LEU A 56 11.12 -3.29 -13.68
N ASP A 57 11.24 -3.03 -12.38
CA ASP A 57 12.34 -2.25 -11.83
C ASP A 57 13.07 -3.15 -10.82
N GLY A 58 14.10 -3.83 -11.30
CA GLY A 58 14.74 -4.87 -10.50
C GLY A 58 13.79 -6.05 -10.29
N ASP A 59 13.48 -6.33 -9.02
CA ASP A 59 12.50 -7.37 -8.67
C ASP A 59 11.09 -6.82 -8.36
N VAL A 60 10.84 -5.58 -8.72
CA VAL A 60 9.56 -4.97 -8.42
C VAL A 60 8.82 -4.54 -9.70
N VAL A 61 7.62 -5.07 -9.90
CA VAL A 61 6.78 -4.68 -11.04
C VAL A 61 5.77 -3.57 -10.69
N GLU A 62 5.76 -2.54 -11.54
CA GLU A 62 4.79 -1.45 -11.44
C GLU A 62 3.67 -1.63 -12.44
N CYS A 63 2.44 -1.56 -11.94
CA CYS A 63 1.24 -1.51 -12.77
C CYS A 63 1.04 -0.08 -13.27
N SER A 64 0.95 0.10 -14.58
CA SER A 64 0.88 1.47 -15.14
C SER A 64 -0.45 2.20 -14.90
N LEU A 65 -1.51 1.48 -14.52
CA LEU A 65 -2.83 2.10 -14.38
C LEU A 65 -2.94 3.00 -13.14
N HIS A 66 -2.52 2.49 -11.99
CA HIS A 66 -2.52 3.32 -10.78
C HIS A 66 -1.14 3.38 -10.12
N MET A 67 -0.12 2.82 -10.78
CA MET A 67 1.25 2.80 -10.26
C MET A 67 1.43 1.96 -8.98
N GLY A 68 0.55 0.99 -8.80
CA GLY A 68 0.72 0.01 -7.75
C GLY A 68 1.95 -0.82 -8.05
N LYS A 69 2.59 -1.34 -7.00
CA LYS A 69 3.83 -2.10 -7.13
C LYS A 69 3.82 -3.42 -6.35
N PHE A 70 4.48 -4.43 -6.89
CA PHE A 70 4.48 -5.77 -6.31
C PHE A 70 5.88 -6.31 -6.43
N CYS A 71 6.30 -7.10 -5.43
N CYS A 71 6.31 -7.10 -5.45
CA CYS A 71 7.52 -7.87 -5.53
CA CYS A 71 7.58 -7.81 -5.60
C CYS A 71 7.18 -9.09 -6.37
C CYS A 71 7.28 -9.12 -6.30
N VAL A 72 7.95 -9.34 -7.43
CA VAL A 72 7.66 -10.49 -8.31
C VAL A 72 8.11 -11.82 -7.69
N ARG A 73 8.97 -11.74 -6.68
N ARG A 73 8.98 -11.71 -6.69
CA ARG A 73 9.48 -12.93 -6.04
CA ARG A 73 9.56 -12.84 -5.97
C ARG A 73 8.46 -13.52 -5.06
C ARG A 73 8.51 -13.49 -5.04
N THR A 74 7.82 -12.65 -4.28
CA THR A 74 6.90 -13.09 -3.23
C THR A 74 5.45 -12.73 -3.55
N GLY A 75 5.24 -11.79 -4.46
CA GLY A 75 3.91 -11.23 -4.74
C GLY A 75 3.53 -10.05 -3.85
N LYS A 76 4.37 -9.76 -2.86
CA LYS A 76 4.06 -8.77 -1.83
C LYS A 76 3.79 -7.39 -2.43
N VAL A 77 2.72 -6.74 -2.01
CA VAL A 77 2.47 -5.36 -2.42
C VAL A 77 3.61 -4.51 -1.90
N LYS A 78 4.17 -3.68 -2.78
CA LYS A 78 5.29 -2.80 -2.46
C LYS A 78 4.89 -1.33 -2.45
N SER A 79 3.87 -0.99 -3.22
N SER A 79 3.85 -0.99 -3.20
CA SER A 79 3.33 0.37 -3.24
CA SER A 79 3.33 0.37 -3.24
C SER A 79 1.82 0.30 -3.47
C SER A 79 1.83 0.31 -3.48
N PRO A 80 1.06 1.20 -2.80
CA PRO A 80 -0.39 1.21 -2.99
C PRO A 80 -0.73 1.68 -4.42
N PRO A 81 -2.01 1.60 -4.83
CA PRO A 81 -3.19 1.18 -4.03
C PRO A 81 -3.56 -0.32 -3.86
N PRO A 82 -2.87 -1.28 -4.52
CA PRO A 82 -3.35 -2.67 -4.30
C PRO A 82 -3.42 -3.12 -2.82
N CYS A 83 -4.45 -3.93 -2.51
CA CYS A 83 -4.68 -4.45 -1.15
C CYS A 83 -4.13 -5.87 -0.97
N GLU A 84 -4.08 -6.61 -2.07
CA GLU A 84 -3.80 -8.04 -2.05
C GLU A 84 -2.56 -8.36 -2.88
N PRO A 85 -1.71 -9.28 -2.39
CA PRO A 85 -0.49 -9.69 -3.10
C PRO A 85 -0.83 -10.54 -4.33
N LEU A 86 0.14 -10.68 -5.22
CA LEU A 86 -0.03 -11.51 -6.41
C LEU A 86 0.09 -12.97 -6.03
N LYS A 87 -0.67 -13.82 -6.70
CA LYS A 87 -0.37 -15.24 -6.73
C LYS A 87 1.02 -15.42 -7.36
N VAL A 88 1.85 -16.28 -6.77
CA VAL A 88 3.17 -16.59 -7.33
C VAL A 88 3.23 -18.11 -7.60
N TYR A 89 3.97 -18.52 -8.64
CA TYR A 89 3.98 -19.93 -9.08
C TYR A 89 5.41 -20.45 -9.09
N PRO A 90 5.64 -21.69 -8.61
CA PRO A 90 7.01 -22.20 -8.57
C PRO A 90 7.64 -22.25 -9.96
N ILE A 91 8.97 -22.15 -10.03
CA ILE A 91 9.71 -22.11 -11.30
C ILE A 91 10.81 -23.19 -11.30
N ARG A 92 10.92 -23.90 -12.42
CA ARG A 92 12.05 -24.78 -12.68
C ARG A 92 12.71 -24.44 -14.02
N ILE A 93 14.04 -24.39 -14.02
CA ILE A 93 14.82 -24.21 -15.25
C ILE A 93 15.40 -25.56 -15.61
N GLU A 94 15.00 -26.08 -16.77
CA GLU A 94 15.55 -27.33 -17.26
C GLU A 94 16.17 -27.03 -18.62
N GLY A 95 17.49 -26.85 -18.61
CA GLY A 95 18.23 -26.45 -19.81
C GLY A 95 17.80 -25.09 -20.29
N ARG A 96 17.28 -25.07 -21.52
CA ARG A 96 16.73 -23.88 -22.15
C ARG A 96 15.32 -23.56 -21.67
N ASP A 97 14.64 -24.54 -21.06
CA ASP A 97 13.22 -24.34 -20.72
C ASP A 97 13.01 -23.71 -19.37
N VAL A 98 12.10 -22.73 -19.35
CA VAL A 98 11.59 -22.15 -18.10
C VAL A 98 10.25 -22.85 -17.84
N LEU A 99 10.16 -23.61 -16.74
CA LEU A 99 8.95 -24.36 -16.44
C LEU A 99 8.21 -23.76 -15.26
N VAL A 100 6.89 -23.71 -15.37
CA VAL A 100 6.01 -23.19 -14.31
C VAL A 100 5.08 -24.31 -13.82
N ASP A 101 4.92 -24.43 -12.50
CA ASP A 101 3.86 -25.28 -11.95
C ASP A 101 2.57 -24.46 -11.81
N PHE A 102 1.72 -24.50 -12.84
CA PHE A 102 0.49 -23.68 -12.92
C PHE A 102 -0.60 -24.05 -11.91
N SER A 103 -0.55 -25.25 -11.36
N SER A 103 -0.52 -25.26 -11.38
CA SER A 103 -1.56 -25.69 -10.41
CA SER A 103 -1.50 -25.74 -10.42
C SER A 103 -1.16 -25.35 -8.98
C SER A 103 -0.98 -25.64 -8.98
N ARG A 104 0.06 -24.84 -8.80
CA ARG A 104 0.63 -24.62 -7.49
C ARG A 104 0.76 -23.15 -7.05
N ALA A 105 -0.21 -22.31 -7.43
CA ALA A 105 -0.20 -20.90 -6.99
C ALA A 105 -0.16 -20.80 -5.47
N ALA A 106 0.67 -19.89 -4.98
CA ALA A 106 0.77 -19.61 -3.55
C ALA A 106 0.57 -18.11 -3.32
N LEU A 107 0.13 -17.75 -2.13
CA LEU A 107 -0.03 -16.35 -1.73
C LEU A 107 0.74 -16.09 -0.46
N HIS A 108 1.48 -14.98 -0.45
CA HIS A 108 2.25 -14.49 0.67
C HIS A 108 1.37 -14.27 1.92
N ALA A 109 0.19 -13.70 1.69
CA ALA A 109 -0.76 -13.38 2.74
C ALA A 109 -2.13 -13.39 2.14
N THR B 2 -20.52 21.72 12.96
CA THR B 2 -19.75 22.64 13.85
C THR B 2 -18.39 22.06 14.19
N PHE B 3 -17.39 22.95 14.24
CA PHE B 3 -16.06 22.59 14.68
C PHE B 3 -16.01 22.69 16.19
N THR B 4 -15.44 21.66 16.83
CA THR B 4 -15.39 21.50 18.28
C THR B 4 -13.95 21.41 18.79
N LYS B 5 -13.67 22.06 19.91
CA LYS B 5 -12.33 22.10 20.51
C LYS B 5 -11.79 20.69 20.76
N ALA B 6 -10.64 20.38 20.18
CA ALA B 6 -10.08 19.04 20.21
C ALA B 6 -8.93 18.95 21.21
N CYS B 7 -8.08 19.96 21.17
CA CYS B 7 -6.92 20.04 22.03
C CYS B 7 -6.38 21.45 21.86
N SER B 8 -5.41 21.81 22.70
N SER B 8 -5.42 21.82 22.70
CA SER B 8 -4.69 23.07 22.57
CA SER B 8 -4.71 23.08 22.53
C SER B 8 -3.57 22.89 21.55
C SER B 8 -3.59 22.89 21.53
N VAL B 9 -3.20 23.98 20.88
CA VAL B 9 -2.09 23.98 19.94
C VAL B 9 -0.80 23.51 20.63
N ASP B 10 -0.61 23.97 21.88
CA ASP B 10 0.61 23.73 22.63
C ASP B 10 0.67 22.31 23.20
N GLU B 11 -0.34 21.51 22.88
CA GLU B 11 -0.37 20.10 23.27
C GLU B 11 0.31 19.24 22.21
N VAL B 12 0.46 19.80 21.01
CA VAL B 12 1.05 19.08 19.89
C VAL B 12 2.23 19.87 19.29
N PRO B 13 3.47 19.62 19.77
CA PRO B 13 4.66 20.25 19.20
C PRO B 13 4.84 19.81 17.75
N PRO B 14 5.61 20.58 16.94
CA PRO B 14 5.84 20.19 15.54
C PRO B 14 6.43 18.78 15.43
N GLY B 15 5.86 17.97 14.54
CA GLY B 15 6.34 16.60 14.35
C GLY B 15 5.79 15.59 15.33
N GLU B 16 4.82 16.02 16.14
CA GLU B 16 4.20 15.13 17.14
C GLU B 16 2.69 14.95 16.87
N ALA B 17 2.12 13.93 17.52
CA ALA B 17 0.70 13.60 17.40
C ALA B 17 0.02 13.53 18.77
N LEU B 18 -1.29 13.78 18.77
CA LEU B 18 -2.10 13.64 19.98
C LEU B 18 -3.40 12.92 19.66
N GLN B 19 -3.73 11.91 20.46
CA GLN B 19 -5.03 11.27 20.41
C GLN B 19 -6.05 12.14 21.14
N VAL B 20 -7.14 12.45 20.47
CA VAL B 20 -8.24 13.11 21.13
C VAL B 20 -9.49 12.24 21.04
N SER B 21 -10.31 12.30 22.09
CA SER B 21 -11.59 11.60 22.15
C SER B 21 -12.73 12.60 22.23
N HIS B 22 -13.65 12.51 21.27
CA HIS B 22 -14.83 13.36 21.27
C HIS B 22 -15.92 12.66 20.51
N ASP B 23 -17.17 12.92 20.92
CA ASP B 23 -18.29 12.25 20.29
C ASP B 23 -18.04 10.79 20.70
N ALA B 24 -18.19 9.84 19.79
CA ALA B 24 -17.84 8.46 20.03
C ALA B 24 -16.68 8.08 19.08
N GLN B 25 -15.77 9.04 18.87
N GLN B 25 -15.79 9.06 18.83
CA GLN B 25 -14.67 8.88 17.93
CA GLN B 25 -14.69 8.89 17.88
C GLN B 25 -13.31 9.09 18.57
C GLN B 25 -13.31 9.13 18.51
N LYS B 26 -12.32 8.39 18.03
CA LYS B 26 -10.92 8.61 18.38
C LYS B 26 -10.24 9.26 17.17
N VAL B 27 -9.67 10.44 17.39
CA VAL B 27 -9.04 11.21 16.32
C VAL B 27 -7.56 11.46 16.64
N ALA B 28 -6.71 11.47 15.62
CA ALA B 28 -5.29 11.80 15.78
C ALA B 28 -5.03 13.17 15.19
N ILE B 29 -4.46 14.03 16.01
CA ILE B 29 -4.12 15.40 15.63
C ILE B 29 -2.62 15.40 15.36
N PHE B 30 -2.24 15.91 14.19
CA PHE B 30 -0.85 15.99 13.76
C PHE B 30 -0.42 17.43 13.55
N ASN B 31 0.76 17.78 14.08
CA ASN B 31 1.39 19.08 13.81
C ASN B 31 2.48 18.95 12.75
N VAL B 32 2.18 19.31 11.50
CA VAL B 32 3.17 19.29 10.42
C VAL B 32 3.75 20.70 10.25
N ASP B 33 4.83 20.97 10.96
CA ASP B 33 5.53 22.27 10.92
C ASP B 33 4.55 23.44 11.11
N GLY B 34 3.70 23.35 12.13
CA GLY B 34 2.73 24.41 12.45
C GLY B 34 1.42 24.39 11.67
N GLU B 35 1.22 23.40 10.80
CA GLU B 35 -0.07 23.20 10.19
C GLU B 35 -0.68 21.93 10.79
N PHE B 36 -1.95 22.01 11.22
CA PHE B 36 -2.57 20.89 11.91
C PHE B 36 -3.47 20.08 11.00
N PHE B 37 -3.51 18.76 11.26
CA PHE B 37 -4.35 17.85 10.51
C PHE B 37 -4.98 16.84 11.46
N ALA B 38 -6.21 16.45 11.17
CA ALA B 38 -6.92 15.48 11.99
C ALA B 38 -7.30 14.29 11.14
N THR B 39 -6.99 13.08 11.60
CA THR B 39 -7.41 11.84 10.94
C THR B 39 -8.03 10.90 11.97
N GLN B 40 -8.68 9.84 11.53
CA GLN B 40 -9.06 8.81 12.49
C GLN B 40 -7.78 8.35 13.21
N ASP B 41 -7.88 8.01 14.49
CA ASP B 41 -6.70 7.61 15.23
C ASP B 41 -6.25 6.18 14.95
N GLN B 42 -7.21 5.29 14.67
CA GLN B 42 -6.88 3.90 14.49
C GLN B 42 -6.42 3.61 13.06
N CYS B 43 -5.34 2.84 12.93
CA CYS B 43 -4.88 2.40 11.62
C CYS B 43 -6.03 1.67 10.92
N THR B 44 -6.13 1.80 9.59
CA THR B 44 -7.16 1.05 8.85
C THR B 44 -6.81 -0.44 8.67
N HIS B 45 -5.54 -0.79 8.89
CA HIS B 45 -5.08 -2.16 8.69
C HIS B 45 -5.20 -3.07 9.93
N GLY B 46 -5.17 -2.47 11.12
CA GLY B 46 -5.34 -3.26 12.35
C GLY B 46 -5.83 -2.40 13.49
N GLU B 47 -6.09 -3.04 14.63
CA GLU B 47 -6.46 -2.34 15.85
C GLU B 47 -5.21 -1.74 16.48
N TRP B 48 -4.72 -0.64 15.91
CA TRP B 48 -3.52 0.02 16.42
C TRP B 48 -3.63 1.52 16.25
N SER B 49 -3.18 2.27 17.25
CA SER B 49 -3.28 3.73 17.25
C SER B 49 -2.14 4.38 16.49
N LEU B 50 -2.48 5.32 15.61
CA LEU B 50 -1.46 6.09 14.86
C LEU B 50 -0.80 7.20 15.69
N SER B 51 -1.49 7.74 16.69
CA SER B 51 -0.92 8.78 17.55
C SER B 51 -0.09 8.16 18.67
N GLU B 52 -0.58 7.05 19.21
CA GLU B 52 0.09 6.35 20.32
C GLU B 52 1.10 5.31 19.86
N GLY B 53 0.83 4.70 18.71
CA GLY B 53 1.69 3.65 18.17
C GLY B 53 2.20 4.02 16.79
N GLY B 54 2.45 5.30 16.58
CA GLY B 54 2.88 5.80 15.29
C GLY B 54 4.08 6.73 15.37
N TYR B 55 4.57 7.11 14.20
CA TYR B 55 5.65 8.06 14.09
C TYR B 55 5.35 8.96 12.88
N LEU B 56 5.46 10.27 13.08
CA LEU B 56 5.23 11.24 12.00
C LEU B 56 6.54 11.72 11.35
N ASP B 57 6.67 11.45 10.06
CA ASP B 57 7.82 11.85 9.26
C ASP B 57 7.35 12.87 8.19
N GLY B 58 7.49 14.15 8.50
CA GLY B 58 6.90 15.20 7.67
C GLY B 58 5.38 15.17 7.76
N ASP B 59 4.74 14.92 6.63
CA ASP B 59 3.30 14.81 6.57
C ASP B 59 2.85 13.36 6.39
N VAL B 60 3.75 12.42 6.70
CA VAL B 60 3.42 11.01 6.59
C VAL B 60 3.56 10.30 7.95
N VAL B 61 2.48 9.67 8.41
CA VAL B 61 2.50 8.88 9.66
C VAL B 61 2.77 7.40 9.40
N GLU B 62 3.67 6.82 10.20
CA GLU B 62 3.94 5.39 10.12
C GLU B 62 3.26 4.67 11.27
N CYS B 63 2.49 3.64 10.94
CA CYS B 63 1.94 2.71 11.93
C CYS B 63 3.03 1.72 12.36
N SER B 64 3.29 1.63 13.66
CA SER B 64 4.45 0.86 14.11
C SER B 64 4.22 -0.66 14.12
N LEU B 65 2.99 -1.10 13.84
CA LEU B 65 2.68 -2.54 13.91
C LEU B 65 3.14 -3.26 12.64
N HIS B 66 2.76 -2.75 11.47
CA HIS B 66 3.26 -3.32 10.22
C HIS B 66 3.98 -2.32 9.32
N MET B 67 4.27 -1.13 9.86
CA MET B 67 5.00 -0.08 9.13
C MET B 67 4.25 0.48 7.91
N GLY B 68 2.94 0.29 7.87
CA GLY B 68 2.09 0.97 6.90
C GLY B 68 2.18 2.47 7.10
N LYS B 69 2.03 3.23 6.01
CA LYS B 69 2.17 4.69 6.10
C LYS B 69 1.01 5.41 5.42
N PHE B 70 0.65 6.57 5.98
CA PHE B 70 -0.50 7.32 5.50
C PHE B 70 -0.13 8.79 5.40
N CYS B 71 -0.61 9.44 4.34
CA CYS B 71 -0.55 10.88 4.25
C CYS B 71 -1.54 11.48 5.25
N VAL B 72 -1.07 12.34 6.16
CA VAL B 72 -1.97 12.93 7.18
C VAL B 72 -2.87 14.06 6.66
N ARG B 73 -2.54 14.59 5.48
N ARG B 73 -2.52 14.60 5.50
CA ARG B 73 -3.31 15.69 4.91
CA ARG B 73 -3.28 15.68 4.88
C ARG B 73 -4.53 15.16 4.17
C ARG B 73 -4.52 15.15 4.18
N THR B 74 -4.35 14.06 3.45
CA THR B 74 -5.42 13.47 2.64
C THR B 74 -5.94 12.13 3.17
N GLY B 75 -5.15 11.49 4.05
CA GLY B 75 -5.50 10.14 4.56
C GLY B 75 -5.06 9.00 3.65
N LYS B 76 -4.49 9.36 2.51
CA LYS B 76 -4.11 8.41 1.46
C LYS B 76 -3.01 7.44 1.92
N VAL B 77 -3.14 6.18 1.55
CA VAL B 77 -2.10 5.18 1.83
C VAL B 77 -0.83 5.49 1.03
N LYS B 78 0.28 5.59 1.76
CA LYS B 78 1.57 5.88 1.17
C LYS B 78 2.45 4.62 1.10
N SER B 79 2.28 3.72 2.08
CA SER B 79 2.98 2.45 2.11
C SER B 79 2.08 1.32 2.57
N PRO B 80 2.18 0.15 1.91
CA PRO B 80 1.45 -1.04 2.35
C PRO B 80 1.97 -1.48 3.73
N PRO B 81 1.31 -2.45 4.38
CA PRO B 81 0.15 -3.25 4.00
C PRO B 81 -1.25 -2.58 3.97
N PRO B 82 -1.43 -1.42 4.64
CA PRO B 82 -2.76 -0.86 4.50
C PRO B 82 -3.12 -0.55 3.06
N CYS B 83 -4.41 -0.42 2.80
CA CYS B 83 -4.87 -0.12 1.47
C CYS B 83 -6.23 0.59 1.49
N GLU B 84 -6.70 0.92 2.68
CA GLU B 84 -7.86 1.79 2.85
C GLU B 84 -7.40 3.12 3.46
N PRO B 85 -7.90 4.25 2.92
CA PRO B 85 -7.37 5.51 3.41
C PRO B 85 -7.99 5.88 4.73
N LEU B 86 -7.32 6.75 5.48
CA LEU B 86 -7.85 7.23 6.75
C LEU B 86 -8.97 8.23 6.53
N LYS B 87 -9.97 8.19 7.41
CA LYS B 87 -10.92 9.31 7.52
C LYS B 87 -10.08 10.52 7.90
N VAL B 88 -10.37 11.63 7.25
CA VAL B 88 -9.76 12.91 7.57
C VAL B 88 -10.86 13.88 7.99
N TYR B 89 -10.54 14.78 8.90
CA TYR B 89 -11.55 15.66 9.49
C TYR B 89 -11.18 17.10 9.23
N PRO B 90 -12.19 17.95 8.92
CA PRO B 90 -11.91 19.37 8.73
C PRO B 90 -11.36 19.94 10.03
N ILE B 91 -10.44 20.89 9.92
N ILE B 91 -10.45 20.90 9.92
CA ILE B 91 -9.77 21.44 11.09
CA ILE B 91 -9.77 21.45 11.07
C ILE B 91 -9.65 22.97 10.96
C ILE B 91 -9.67 22.96 10.95
N ARG B 92 -9.83 23.64 12.08
CA ARG B 92 -9.79 25.10 12.15
C ARG B 92 -8.98 25.49 13.37
N ILE B 93 -8.07 26.45 13.20
CA ILE B 93 -7.36 27.03 14.34
C ILE B 93 -7.96 28.38 14.76
N GLU B 94 -8.55 28.40 15.93
CA GLU B 94 -9.11 29.61 16.49
C GLU B 94 -8.38 29.95 17.78
N GLY B 95 -7.51 30.95 17.72
CA GLY B 95 -6.68 31.34 18.86
C GLY B 95 -5.64 30.28 19.16
N ARG B 96 -5.66 29.80 20.40
CA ARG B 96 -4.79 28.69 20.83
C ARG B 96 -5.55 27.35 20.74
N ASP B 97 -6.76 27.38 20.21
CA ASP B 97 -7.62 26.20 20.15
C ASP B 97 -7.58 25.57 18.77
N VAL B 98 -7.31 24.26 18.74
CA VAL B 98 -7.46 23.45 17.54
C VAL B 98 -8.88 22.88 17.58
N LEU B 99 -9.71 23.29 16.63
CA LEU B 99 -11.09 22.79 16.49
C LEU B 99 -11.23 21.80 15.34
N VAL B 100 -12.03 20.76 15.55
CA VAL B 100 -12.28 19.73 14.54
C VAL B 100 -13.78 19.55 14.35
N ASP B 101 -14.23 19.44 13.10
CA ASP B 101 -15.62 19.09 12.84
C ASP B 101 -15.76 17.57 12.90
N PHE B 102 -15.96 17.04 14.10
CA PHE B 102 -16.02 15.57 14.31
C PHE B 102 -17.13 14.84 13.57
N SER B 103 -18.12 15.59 13.06
N SER B 103 -18.11 15.60 13.06
CA SER B 103 -19.25 15.00 12.34
CA SER B 103 -19.26 15.04 12.36
C SER B 103 -18.99 14.90 10.83
C SER B 103 -19.13 15.21 10.85
N ARG B 104 -17.93 15.56 10.38
CA ARG B 104 -17.67 15.78 8.95
C ARG B 104 -16.46 15.04 8.37
N ALA B 105 -16.20 13.84 8.87
CA ALA B 105 -15.12 13.00 8.31
C ALA B 105 -15.33 12.80 6.82
N ALA B 106 -14.21 12.81 6.08
CA ALA B 106 -14.20 12.54 4.65
C ALA B 106 -13.18 11.43 4.33
N LEU B 107 -13.38 10.77 3.19
CA LEU B 107 -12.47 9.73 2.67
C LEU B 107 -12.00 10.08 1.27
N HIS B 108 -10.69 10.15 1.09
CA HIS B 108 -10.02 10.35 -0.20
C HIS B 108 -10.54 9.40 -1.29
N ALA B 109 -10.84 8.16 -0.89
CA ALA B 109 -11.29 7.11 -1.81
C ALA B 109 -12.03 6.01 -1.07
C1 GLC C . 4.45 -20.68 -27.53
C2 GLC C . 5.66 -20.98 -28.42
C3 GLC C . 6.89 -21.26 -27.56
C4 GLC C . 7.16 -20.10 -26.60
C5 GLC C . 5.90 -19.81 -25.78
C6 GLC C . 6.08 -18.62 -24.83
O2 GLC C . 5.41 -22.13 -29.22
O3 GLC C . 8.04 -21.49 -28.38
O4 GLC C . 8.25 -20.48 -25.75
O5 GLC C . 4.78 -19.59 -26.66
O6 GLC C . 5.71 -17.41 -25.51
C1 GLC C . 2.76 -21.91 -26.25
C2 GLC C . 2.64 -23.14 -25.33
C3 GLC C . 2.65 -24.44 -26.14
C4 GLC C . 1.60 -24.41 -27.24
C5 GLC C . 1.75 -23.14 -28.09
C6 GLC C . 0.66 -23.04 -29.15
O1 GLC C . 4.08 -21.87 -26.82
O2 GLC C . 3.73 -23.15 -24.39
O3 GLC C . 2.39 -25.57 -25.29
O4 GLC C . 1.72 -25.60 -28.04
O5 GLC C . 1.73 -21.97 -27.26
O6 GLC C . 0.79 -21.80 -29.84
FE1 FES D . -2.94 -2.15 -11.05
FE2 FES D . -4.68 -0.29 -9.99
S1 FES D . -4.99 -1.68 -11.62
S2 FES D . -2.58 -0.63 -9.52
S SO4 E . 7.57 -32.99 -12.53
O1 SO4 E . 6.30 -33.68 -12.73
O2 SO4 E . 7.59 -31.79 -13.37
O3 SO4 E . 7.71 -32.61 -11.13
O4 SO4 E . 8.67 -33.87 -12.92
FE1 FES F . -1.27 -0.39 11.02
FE2 FES F . -1.02 -3.02 10.12
S1 FES F . -1.94 -2.24 11.95
S2 FES F . -0.20 -1.16 9.29
#